data_5L4O
#
_entry.id   5L4O
#
_cell.length_a   35.150
_cell.length_b   142.620
_cell.length_c   202.120
_cell.angle_alpha   90.00
_cell.angle_beta   90.00
_cell.angle_gamma   90.00
#
_symmetry.space_group_name_H-M   'C 2 2 21'
#
loop_
_entity.id
_entity.type
_entity.pdbx_description
1 polymer 'tRNA (76-MER)'
2 non-polymer 'SODIUM ION'
3 water water
#
_entity_poly.entity_id   1
_entity_poly.type   'polyribonucleotide'
_entity_poly.pdbx_seq_one_letter_code
;AGCGGGG(4SU)GGAGCAGCCUGG(H2U)AGCUCGUCGGG(OMC)UCAUAACCCGAAGAUCGUCGG(5MU)(PSU)CAAA
UCCGGCCCCCGCUACCA
;
_entity_poly.pdbx_strand_id   A
#